data_7MW0
#
_entry.id   7MW0
#
_cell.length_a   74.870
_cell.length_b   66.070
_cell.length_c   79.180
_cell.angle_alpha   90.000
_cell.angle_beta   116.275
_cell.angle_gamma   90.000
#
_symmetry.space_group_name_H-M   'P 1 21 1'
#
loop_
_entity.id
_entity.type
_entity.pdbx_description
1 polymer 'Nuclear pore complex protein Nup93'
2 non-polymer 1,2-ETHANEDIOL
3 water water
#
_entity_poly.entity_id   1
_entity_poly.type   'polypeptide(L)'
_entity_poly.pdbx_seq_one_letter_code
;SSGLNDIFEAQKIEWHEGSAGGSGGSGRSSLDNIEMAYARQIYIYNEKIVNGHLQPNLVDLCASVAELDDKSISDMWTMV
KQMTDVLLTPATDALKNRSSVEVRMEFVRQALAYLEQSYKNYTLVTVFGNLHQAQLGGVPGTYQLVRSFLNIKLPAPLPG
LQDGEVEGHPVWALIYYCMRCGDLLAASQVVNRAQHQLGEFKTWFQEYMNSKDRRLSPATENKLRLHYRRALRNNTDPYK
RAVYCIIGRCDVTDNQSEVADKTEDYLWLKLNQVCFDDDGTSSPQDRLTLSQFQKQLLEDYGESHFTVNQQPFLYFQVLF
LTAQFEAAVAFLFRMERLRCHAVHVALVLFELKLLLKSSGQSAQLLSHEPGDPPCLRRLNFVRLLMLYTRKFESTDPREA
LQYFYFLRDEKDSQGENMFLRCVSELVIESREFDMILGKLENDGSRKPGVIDKFTSDTKPIINKVASVAENKGLFEEAAK
LYDLAKNADKVLELMNKLLSPVVPQISAPQSNKERLKNMALSIAERYRAQGISANKFVDSTFYLLLDLITFFDEYHSGHI
DRAFDIIERLKLVPLNQESVEERVAAFRNFSDEIRHNLSEVLLATMNILFTQFKRLKGTSPSSSSRPQRVIEDRDSQLRS
QARTLITFAGMIPYRTSGDTNARLVQMEVLMN
;
_entity_poly.pdbx_strand_id   A
#
# COMPACT_ATOMS: atom_id res chain seq x y z
N SER A 29 -10.21 -16.57 -6.11
CA SER A 29 -9.87 -15.16 -6.12
C SER A 29 -10.86 -14.36 -5.26
N SER A 30 -10.32 -13.45 -4.45
CA SER A 30 -11.13 -12.62 -3.58
C SER A 30 -11.56 -11.30 -4.23
N LEU A 31 -11.01 -10.97 -5.40
CA LEU A 31 -11.30 -9.71 -6.06
C LEU A 31 -12.53 -9.88 -6.97
N ASP A 32 -13.48 -8.96 -6.85
CA ASP A 32 -14.65 -8.96 -7.71
C ASP A 32 -14.32 -8.22 -9.01
N ASN A 33 -15.33 -8.03 -9.86
CA ASN A 33 -15.08 -7.46 -11.18
C ASN A 33 -14.43 -6.09 -11.10
N ILE A 34 -14.98 -5.21 -10.26
CA ILE A 34 -14.48 -3.84 -10.20
C ILE A 34 -13.11 -3.80 -9.51
N GLU A 35 -12.99 -4.50 -8.37
CA GLU A 35 -11.69 -4.57 -7.71
C GLU A 35 -10.62 -5.07 -8.66
N MET A 36 -10.92 -6.10 -9.45
CA MET A 36 -9.93 -6.60 -10.41
C MET A 36 -9.66 -5.59 -11.50
N ALA A 37 -10.71 -4.93 -12.00
CA ALA A 37 -10.52 -3.88 -13.00
C ALA A 37 -9.56 -2.81 -12.47
N TYR A 38 -9.75 -2.37 -11.23
CA TYR A 38 -8.82 -1.42 -10.63
C TYR A 38 -7.40 -1.96 -10.61
N ALA A 39 -7.25 -3.24 -10.24
CA ALA A 39 -5.92 -3.82 -10.16
C ALA A 39 -5.19 -3.74 -11.49
N ARG A 40 -5.89 -4.00 -12.60
CA ARG A 40 -5.26 -3.91 -13.90
C ARG A 40 -4.73 -2.50 -14.15
N GLN A 41 -5.44 -1.48 -13.68
CA GLN A 41 -4.97 -0.11 -13.88
C GLN A 41 -3.70 0.14 -13.08
N ILE A 42 -3.61 -0.41 -11.86
CA ILE A 42 -2.38 -0.29 -11.08
C ILE A 42 -1.24 -1.00 -11.79
N TYR A 43 -1.52 -2.18 -12.36
CA TYR A 43 -0.51 -2.90 -13.13
C TYR A 43 0.03 -2.02 -14.25
N ILE A 44 -0.86 -1.38 -15.00
CA ILE A 44 -0.42 -0.50 -16.09
C ILE A 44 0.37 0.68 -15.52
N TYR A 45 -0.17 1.32 -14.48
CA TYR A 45 0.49 2.48 -13.88
C TYR A 45 1.90 2.13 -13.42
N ASN A 46 2.05 0.99 -12.73
CA ASN A 46 3.38 0.61 -12.24
C ASN A 46 4.31 0.29 -13.40
N GLU A 47 3.81 -0.44 -14.42
CA GLU A 47 4.67 -0.81 -15.54
C GLU A 47 5.33 0.41 -16.17
N LYS A 48 4.60 1.52 -16.26
CA LYS A 48 5.16 2.72 -16.88
C LYS A 48 6.21 3.36 -15.97
N ILE A 49 5.99 3.35 -14.65
CA ILE A 49 6.98 3.89 -13.73
C ILE A 49 8.30 3.14 -13.87
N VAL A 50 8.23 1.81 -13.87
CA VAL A 50 9.45 1.00 -13.90
C VAL A 50 10.22 1.24 -15.19
N ASN A 51 9.52 1.18 -16.33
CA ASN A 51 10.15 1.33 -17.63
C ASN A 51 10.44 2.78 -18.00
N GLY A 52 10.24 3.71 -17.07
CA GLY A 52 10.57 5.10 -17.33
C GLY A 52 9.87 5.70 -18.53
N HIS A 53 8.69 5.19 -18.87
CA HIS A 53 7.92 5.71 -19.98
C HIS A 53 7.04 6.89 -19.51
N LEU A 54 6.46 7.59 -20.48
CA LEU A 54 5.49 8.63 -20.16
C LEU A 54 4.35 8.02 -19.36
N GLN A 55 4.14 8.53 -18.16
CA GLN A 55 3.19 7.93 -17.23
C GLN A 55 1.82 8.54 -17.41
N PRO A 56 0.80 7.78 -17.81
CA PRO A 56 -0.56 8.32 -17.82
C PRO A 56 -1.05 8.60 -16.41
N ASN A 57 -2.01 9.52 -16.32
CA ASN A 57 -2.55 9.90 -15.02
C ASN A 57 -3.35 8.76 -14.41
N LEU A 58 -3.08 8.45 -13.14
CA LEU A 58 -3.79 7.38 -12.48
C LEU A 58 -5.28 7.66 -12.41
N VAL A 59 -5.65 8.90 -12.11
CA VAL A 59 -7.07 9.25 -12.01
C VAL A 59 -7.79 8.90 -13.31
N ASP A 60 -7.13 9.12 -14.45
CA ASP A 60 -7.74 8.79 -15.74
C ASP A 60 -7.88 7.28 -15.90
N LEU A 61 -6.81 6.53 -15.62
CA LEU A 61 -6.90 5.07 -15.67
C LEU A 61 -8.02 4.57 -14.77
N CYS A 62 -8.16 5.16 -13.58
CA CYS A 62 -9.19 4.71 -12.65
C CYS A 62 -10.58 5.12 -13.12
N ALA A 63 -10.71 6.33 -13.68
CA ALA A 63 -12.02 6.80 -14.11
C ALA A 63 -12.62 5.88 -15.17
N SER A 64 -11.78 5.33 -16.05
CA SER A 64 -12.27 4.43 -17.09
C SER A 64 -12.90 3.17 -16.52
N VAL A 65 -12.70 2.88 -15.23
CA VAL A 65 -13.32 1.71 -14.62
C VAL A 65 -14.80 1.93 -14.33
N ALA A 66 -15.23 3.18 -14.19
CA ALA A 66 -16.64 3.46 -13.91
C ALA A 66 -17.54 2.95 -15.02
N GLU A 67 -17.01 2.75 -16.23
CA GLU A 67 -17.82 2.20 -17.31
C GLU A 67 -18.41 0.85 -16.92
N LEU A 68 -17.74 0.12 -16.04
CA LEU A 68 -18.18 -1.20 -15.62
C LEU A 68 -19.08 -1.16 -14.39
N ASP A 69 -19.60 0.01 -14.02
CA ASP A 69 -20.40 0.13 -12.81
C ASP A 69 -21.43 1.24 -13.02
N ASP A 70 -22.10 1.63 -11.94
CA ASP A 70 -23.20 2.58 -12.01
C ASP A 70 -22.67 3.97 -12.37
N LYS A 71 -23.60 4.92 -12.52
CA LYS A 71 -23.23 6.30 -12.76
C LYS A 71 -22.67 6.97 -11.51
N SER A 72 -23.03 6.47 -10.33
CA SER A 72 -22.48 7.04 -9.09
C SER A 72 -20.96 6.97 -9.10
N ILE A 73 -20.39 5.89 -9.62
CA ILE A 73 -18.94 5.76 -9.67
C ILE A 73 -18.36 6.68 -10.73
N SER A 74 -19.04 6.80 -11.87
CA SER A 74 -18.62 7.75 -12.90
C SER A 74 -18.66 9.17 -12.37
N ASP A 75 -19.76 9.54 -11.71
CA ASP A 75 -19.87 10.87 -11.12
C ASP A 75 -18.79 11.08 -10.06
N MET A 76 -18.50 10.04 -9.28
CA MET A 76 -17.45 10.17 -8.25
C MET A 76 -16.13 10.56 -8.89
N TRP A 77 -15.72 9.83 -9.93
CA TRP A 77 -14.41 10.10 -10.54
C TRP A 77 -14.42 11.44 -11.26
N THR A 78 -15.54 11.81 -11.88
CA THR A 78 -15.62 13.14 -12.48
C THR A 78 -15.39 14.21 -11.43
N MET A 79 -16.03 14.07 -10.26
CA MET A 79 -15.80 15.01 -9.17
C MET A 79 -14.35 14.99 -8.73
N VAL A 80 -13.82 13.79 -8.46
CA VAL A 80 -12.45 13.68 -7.97
C VAL A 80 -11.48 14.34 -8.94
N LYS A 81 -11.66 14.08 -10.24
CA LYS A 81 -10.76 14.67 -11.24
C LYS A 81 -10.80 16.20 -11.16
N GLN A 82 -11.98 16.78 -10.98
CA GLN A 82 -12.07 18.24 -10.98
C GLN A 82 -11.58 18.83 -9.66
N MET A 83 -11.86 18.16 -8.54
CA MET A 83 -11.45 18.71 -7.25
C MET A 83 -9.94 18.64 -7.05
N THR A 84 -9.27 17.67 -7.66
CA THR A 84 -7.83 17.54 -7.54
C THR A 84 -7.06 18.26 -8.65
N ASP A 85 -7.78 18.88 -9.59
CA ASP A 85 -7.14 19.62 -10.70
C ASP A 85 -6.92 21.05 -10.24
N VAL A 86 -5.84 21.24 -9.46
CA VAL A 86 -5.50 22.53 -8.87
C VAL A 86 -4.01 22.76 -9.03
N LEU A 87 -3.61 24.02 -8.88
CA LEU A 87 -2.22 24.42 -9.03
C LEU A 87 -1.51 24.33 -7.68
N LEU A 88 -0.47 23.50 -7.61
CA LEU A 88 0.28 23.28 -6.39
C LEU A 88 1.73 23.71 -6.60
N THR A 89 2.33 24.24 -5.54
CA THR A 89 3.76 24.54 -5.58
C THR A 89 4.55 23.24 -5.61
N PRO A 90 5.44 23.04 -6.60
CA PRO A 90 6.20 21.80 -6.64
C PRO A 90 7.17 21.69 -5.47
N ALA A 91 7.63 20.46 -5.23
CA ALA A 91 8.62 20.17 -4.20
C ALA A 91 8.23 20.79 -2.86
N THR A 92 6.98 20.59 -2.49
CA THR A 92 6.41 21.21 -1.29
C THR A 92 5.57 20.18 -0.56
N ASP A 93 5.66 20.20 0.77
CA ASP A 93 4.87 19.28 1.58
C ASP A 93 3.38 19.54 1.39
N ALA A 94 2.59 18.46 1.39
CA ALA A 94 1.16 18.59 1.17
C ALA A 94 0.52 19.52 2.20
N LEU A 95 1.04 19.52 3.44
CA LEU A 95 0.48 20.40 4.47
C LEU A 95 0.60 21.86 4.08
N LYS A 96 1.75 22.26 3.55
CA LYS A 96 1.94 23.65 3.14
C LYS A 96 0.98 24.03 2.02
N ASN A 97 0.87 23.17 1.00
CA ASN A 97 -0.05 23.44 -0.09
C ASN A 97 -1.50 23.46 0.39
N ARG A 98 -1.89 22.43 1.15
CA ARG A 98 -3.28 22.34 1.60
C ARG A 98 -3.64 23.47 2.56
N SER A 99 -2.66 24.07 3.23
CA SER A 99 -2.94 25.16 4.15
C SER A 99 -2.94 26.53 3.48
N SER A 100 -2.41 26.64 2.26
CA SER A 100 -2.31 27.95 1.62
C SER A 100 -3.69 28.45 1.20
N VAL A 101 -3.89 29.76 1.31
CA VAL A 101 -5.18 30.34 0.95
C VAL A 101 -5.43 30.20 -0.55
N GLU A 102 -4.39 30.28 -1.37
CA GLU A 102 -4.58 30.14 -2.81
C GLU A 102 -5.18 28.78 -3.15
N VAL A 103 -4.60 27.71 -2.61
CA VAL A 103 -5.10 26.37 -2.91
C VAL A 103 -6.50 26.19 -2.34
N ARG A 104 -6.73 26.66 -1.11
CA ARG A 104 -8.04 26.49 -0.49
C ARG A 104 -9.12 27.20 -1.28
N MET A 105 -8.82 28.40 -1.80
CA MET A 105 -9.79 29.11 -2.62
C MET A 105 -10.00 28.41 -3.96
N GLU A 106 -8.97 27.77 -4.51
CA GLU A 106 -9.14 27.08 -5.77
C GLU A 106 -9.97 25.81 -5.60
N PHE A 107 -9.87 25.15 -4.45
CA PHE A 107 -10.78 24.03 -4.17
C PHE A 107 -12.23 24.50 -4.22
N VAL A 108 -12.52 25.68 -3.66
CA VAL A 108 -13.89 26.18 -3.67
C VAL A 108 -14.33 26.50 -5.09
N ARG A 109 -13.46 27.12 -5.87
CA ARG A 109 -13.81 27.44 -7.26
C ARG A 109 -14.04 26.17 -8.07
N GLN A 110 -13.22 25.15 -7.84
CA GLN A 110 -13.42 23.88 -8.55
C GLN A 110 -14.70 23.18 -8.09
N ALA A 111 -15.05 23.31 -6.81
CA ALA A 111 -16.30 22.73 -6.34
C ALA A 111 -17.50 23.47 -6.90
N LEU A 112 -17.45 24.81 -6.90
CA LEU A 112 -18.54 25.58 -7.49
C LEU A 112 -18.70 25.29 -8.97
N ALA A 113 -17.58 25.16 -9.69
CA ALA A 113 -17.66 24.84 -11.11
C ALA A 113 -18.35 23.49 -11.33
N TYR A 114 -17.98 22.49 -10.53
CA TYR A 114 -18.59 21.18 -10.66
C TYR A 114 -20.09 21.25 -10.39
N LEU A 115 -20.48 21.93 -9.30
CA LEU A 115 -21.88 21.99 -8.93
C LEU A 115 -22.70 22.78 -9.96
N GLU A 116 -22.09 23.81 -10.55
CA GLU A 116 -22.81 24.61 -11.54
C GLU A 116 -22.95 23.87 -12.86
N GLN A 117 -21.85 23.25 -13.34
CA GLN A 117 -21.95 22.45 -14.54
C GLN A 117 -22.91 21.28 -14.36
N SER A 118 -22.89 20.66 -13.17
CA SER A 118 -23.81 19.56 -12.91
C SER A 118 -25.26 20.01 -13.05
N TYR A 119 -25.59 21.19 -12.51
CA TYR A 119 -26.96 21.67 -12.60
C TYR A 119 -27.32 22.04 -14.03
N LYS A 120 -26.39 22.65 -14.77
CA LYS A 120 -26.64 22.96 -16.17
C LYS A 120 -26.95 21.69 -16.96
N ASN A 121 -26.28 20.58 -16.61
CA ASN A 121 -26.62 19.31 -17.24
C ASN A 121 -28.03 18.87 -16.86
N TYR A 122 -28.40 19.01 -15.59
CA TYR A 122 -29.76 18.70 -15.18
C TYR A 122 -30.77 19.57 -15.90
N THR A 123 -30.39 20.79 -16.25
CA THR A 123 -31.30 21.66 -17.00
C THR A 123 -31.39 21.25 -18.47
N LEU A 124 -30.27 20.81 -19.04
CA LEU A 124 -30.28 20.38 -20.43
C LEU A 124 -31.17 19.15 -20.62
N VAL A 125 -31.11 18.21 -19.68
CA VAL A 125 -31.95 17.02 -19.79
C VAL A 125 -33.40 17.37 -19.50
N THR A 126 -33.64 18.38 -18.67
CA THR A 126 -35.02 18.77 -18.37
C THR A 126 -35.71 19.37 -19.58
N VAL A 127 -34.94 20.01 -20.47
CA VAL A 127 -35.51 20.70 -21.63
C VAL A 127 -35.42 19.81 -22.87
N PHE A 128 -34.34 19.04 -22.97
CA PHE A 128 -34.12 18.18 -24.13
C PHE A 128 -34.36 16.70 -23.86
N GLY A 129 -34.74 16.35 -22.63
CA GLY A 129 -34.98 14.95 -22.31
C GLY A 129 -33.73 14.21 -21.87
N ASN A 130 -32.64 14.42 -22.61
CA ASN A 130 -31.37 13.78 -22.29
C ASN A 130 -30.25 14.59 -22.91
N LEU A 131 -29.03 14.35 -22.42
CA LEU A 131 -27.88 15.08 -22.93
C LEU A 131 -27.55 14.74 -24.37
N HIS A 132 -28.04 13.59 -24.87
CA HIS A 132 -27.79 13.23 -26.26
C HIS A 132 -28.50 14.19 -27.21
N GLN A 133 -29.78 14.46 -26.95
CA GLN A 133 -30.55 15.34 -27.83
C GLN A 133 -30.01 16.77 -27.84
N ALA A 134 -29.33 17.20 -26.78
CA ALA A 134 -28.76 18.54 -26.70
C ALA A 134 -27.50 18.59 -27.57
N GLN A 135 -27.73 18.57 -28.89
CA GLN A 135 -26.64 18.57 -29.85
C GLN A 135 -27.08 19.25 -31.16
N VAL A 139 -26.07 22.92 -25.99
CA VAL A 139 -25.63 23.73 -27.11
C VAL A 139 -26.17 25.18 -27.12
N PRO A 140 -27.31 25.44 -26.48
CA PRO A 140 -27.80 26.82 -26.44
C PRO A 140 -27.20 27.62 -25.29
N GLY A 141 -27.34 28.94 -25.40
CA GLY A 141 -26.87 29.81 -24.35
C GLY A 141 -27.65 29.62 -23.07
N THR A 142 -27.02 30.04 -21.97
CA THR A 142 -27.62 29.81 -20.65
C THR A 142 -28.94 30.56 -20.50
N TYR A 143 -28.99 31.81 -20.95
CA TYR A 143 -30.21 32.59 -20.82
C TYR A 143 -31.39 31.91 -21.49
N GLN A 144 -31.22 31.53 -22.77
CA GLN A 144 -32.31 30.86 -23.48
C GLN A 144 -32.61 29.50 -22.86
N LEU A 145 -31.57 28.76 -22.47
CA LEU A 145 -31.78 27.48 -21.82
C LEU A 145 -32.62 27.63 -20.56
N VAL A 146 -32.34 28.65 -19.75
CA VAL A 146 -33.10 28.87 -18.53
C VAL A 146 -34.54 29.23 -18.85
N ARG A 147 -34.75 30.06 -19.89
CA ARG A 147 -36.12 30.40 -20.29
C ARG A 147 -36.89 29.15 -20.67
N SER A 148 -36.32 28.31 -21.55
CA SER A 148 -36.94 27.04 -21.87
C SER A 148 -37.13 26.18 -20.63
N PHE A 149 -36.26 26.34 -19.63
CA PHE A 149 -36.34 25.54 -18.42
C PHE A 149 -37.48 26.00 -17.52
N LEU A 150 -37.70 27.32 -17.42
CA LEU A 150 -38.76 27.82 -16.56
C LEU A 150 -40.15 27.44 -17.08
N ASN A 151 -40.27 27.22 -18.39
CA ASN A 151 -41.54 26.73 -18.93
C ASN A 151 -41.94 25.43 -18.24
N ILE A 152 -40.97 24.58 -17.95
CA ILE A 152 -41.25 23.30 -17.27
C ILE A 152 -41.16 23.45 -15.76
N LYS A 153 -40.22 24.25 -15.28
CA LYS A 153 -40.04 24.39 -13.84
C LYS A 153 -41.13 25.24 -13.21
N LEU A 154 -41.47 26.37 -13.83
CA LEU A 154 -42.52 27.27 -13.35
C LEU A 154 -43.58 27.43 -14.45
N PRO A 155 -44.39 26.38 -14.69
CA PRO A 155 -45.43 26.46 -15.71
C PRO A 155 -46.53 27.46 -15.36
N LEU A 158 -46.18 31.61 -10.10
CA LEU A 158 -46.66 31.57 -8.73
C LEU A 158 -46.68 32.99 -8.16
N PRO A 159 -47.51 33.21 -7.13
CA PRO A 159 -47.89 34.60 -6.80
C PRO A 159 -46.78 35.44 -6.20
N GLY A 160 -46.01 34.89 -5.26
CA GLY A 160 -45.12 35.71 -4.43
C GLY A 160 -44.03 36.44 -5.18
N LEU A 161 -43.80 36.13 -6.45
CA LEU A 161 -42.66 36.70 -7.16
C LEU A 161 -42.81 38.20 -7.32
N GLN A 162 -41.67 38.90 -7.27
CA GLN A 162 -41.64 40.35 -7.23
C GLN A 162 -40.84 40.90 -8.40
N ASP A 163 -41.08 42.18 -8.70
CA ASP A 163 -40.32 42.97 -9.66
C ASP A 163 -40.59 42.58 -11.11
N GLY A 164 -41.68 41.86 -11.36
CA GLY A 164 -42.11 41.63 -12.73
C GLY A 164 -41.31 40.56 -13.45
N GLU A 165 -41.36 40.62 -14.77
CA GLU A 165 -40.80 39.61 -15.64
C GLU A 165 -39.79 40.23 -16.60
N VAL A 166 -39.06 39.35 -17.28
CA VAL A 166 -38.14 39.74 -18.35
C VAL A 166 -38.34 38.78 -19.51
N GLU A 167 -39.03 39.23 -20.56
CA GLU A 167 -39.32 38.41 -21.74
C GLU A 167 -40.16 37.19 -21.36
N GLY A 168 -41.09 37.37 -20.43
CA GLY A 168 -42.11 36.38 -20.16
C GLY A 168 -41.94 35.59 -18.88
N HIS A 169 -40.77 35.67 -18.23
CA HIS A 169 -40.55 34.89 -17.03
C HIS A 169 -40.13 35.78 -15.87
N PRO A 170 -40.45 35.39 -14.63
CA PRO A 170 -40.08 36.22 -13.48
C PRO A 170 -38.57 36.47 -13.46
N VAL A 171 -38.20 37.70 -13.11
CA VAL A 171 -36.83 38.15 -13.28
C VAL A 171 -35.89 37.44 -12.30
N TRP A 172 -36.32 37.27 -11.03
CA TRP A 172 -35.41 36.68 -10.05
C TRP A 172 -35.20 35.20 -10.29
N ALA A 173 -36.23 34.50 -10.76
CA ALA A 173 -36.04 33.11 -11.15
C ALA A 173 -35.03 33.01 -12.30
N LEU A 174 -35.10 33.94 -13.26
CA LEU A 174 -34.13 33.95 -14.35
C LEU A 174 -32.72 34.21 -13.82
N ILE A 175 -32.57 35.17 -12.92
CA ILE A 175 -31.25 35.49 -12.37
C ILE A 175 -30.71 34.31 -11.58
N TYR A 176 -31.52 33.77 -10.67
CA TYR A 176 -31.05 32.69 -9.81
C TYR A 176 -30.57 31.49 -10.63
N TYR A 177 -31.39 31.05 -11.59
CA TYR A 177 -31.04 29.84 -12.33
C TYR A 177 -29.91 30.09 -13.32
N CYS A 178 -29.75 31.32 -13.81
CA CYS A 178 -28.54 31.65 -14.56
C CYS A 178 -27.31 31.53 -13.67
N MET A 179 -27.39 32.03 -12.43
CA MET A 179 -26.28 31.89 -11.51
C MET A 179 -26.08 30.43 -11.10
N ARG A 180 -27.17 29.71 -10.81
CA ARG A 180 -27.07 28.31 -10.44
C ARG A 180 -26.38 27.49 -11.53
N CYS A 181 -26.52 27.90 -12.79
CA CYS A 181 -25.82 27.28 -13.90
C CYS A 181 -24.42 27.86 -14.11
N GLY A 182 -24.01 28.81 -13.26
CA GLY A 182 -22.67 29.34 -13.35
C GLY A 182 -22.43 30.28 -14.50
N ASP A 183 -23.46 31.02 -14.93
CA ASP A 183 -23.35 31.98 -16.02
C ASP A 183 -23.76 33.35 -15.47
N LEU A 184 -22.79 34.08 -14.93
CA LEU A 184 -23.08 35.40 -14.40
C LEU A 184 -23.36 36.41 -15.50
N LEU A 185 -22.70 36.26 -16.65
CA LEU A 185 -22.97 37.16 -17.78
C LEU A 185 -24.42 37.06 -18.21
N ALA A 186 -24.95 35.83 -18.33
CA ALA A 186 -26.36 35.67 -18.63
C ALA A 186 -27.24 36.33 -17.57
N ALA A 187 -26.86 36.18 -16.30
CA ALA A 187 -27.64 36.80 -15.22
C ALA A 187 -27.62 38.32 -15.35
N SER A 188 -26.49 38.89 -15.77
CA SER A 188 -26.40 40.34 -15.92
C SER A 188 -27.28 40.83 -17.05
N GLN A 189 -27.34 40.08 -18.16
CA GLN A 189 -28.26 40.42 -19.24
C GLN A 189 -29.68 40.57 -18.71
N VAL A 190 -30.11 39.66 -17.84
CA VAL A 190 -31.43 39.76 -17.24
C VAL A 190 -31.52 41.03 -16.39
N VAL A 191 -30.46 41.34 -15.64
CA VAL A 191 -30.45 42.54 -14.82
C VAL A 191 -30.48 43.79 -15.69
N ASN A 192 -29.72 43.79 -16.78
CA ASN A 192 -29.70 44.95 -17.67
C ASN A 192 -31.06 45.21 -18.29
N ARG A 193 -31.92 44.20 -18.37
CA ARG A 193 -33.26 44.36 -18.92
C ARG A 193 -34.30 44.61 -17.84
N ALA A 194 -33.90 44.60 -16.56
CA ALA A 194 -34.81 44.89 -15.46
C ALA A 194 -34.32 46.08 -14.64
N GLN A 195 -33.52 46.97 -15.22
CA GLN A 195 -32.99 48.11 -14.48
C GLN A 195 -34.09 48.89 -13.79
N HIS A 196 -35.31 48.87 -14.34
CA HIS A 196 -36.38 49.73 -13.84
C HIS A 196 -36.68 49.44 -12.36
N GLN A 197 -36.99 48.19 -12.03
CA GLN A 197 -37.55 47.87 -10.73
C GLN A 197 -36.57 47.20 -9.78
N LEU A 198 -35.39 46.80 -10.25
CA LEU A 198 -34.42 46.19 -9.36
C LEU A 198 -33.76 47.21 -8.45
N GLY A 199 -33.74 48.49 -8.84
CA GLY A 199 -33.22 49.52 -7.95
C GLY A 199 -31.70 49.51 -7.91
N GLU A 200 -31.17 49.73 -6.71
CA GLU A 200 -29.73 49.78 -6.51
C GLU A 200 -29.06 48.42 -6.65
N PHE A 201 -29.84 47.34 -6.74
CA PHE A 201 -29.24 46.03 -6.98
C PHE A 201 -28.51 45.98 -8.32
N LYS A 202 -28.86 46.88 -9.25
CA LYS A 202 -28.18 46.89 -10.55
C LYS A 202 -26.69 47.10 -10.39
N THR A 203 -26.30 48.10 -9.58
CA THR A 203 -24.88 48.39 -9.41
C THR A 203 -24.21 47.39 -8.47
N TRP A 204 -24.96 46.82 -7.52
CA TRP A 204 -24.38 45.81 -6.64
C TRP A 204 -23.98 44.58 -7.44
N PHE A 205 -24.88 44.11 -8.32
CA PHE A 205 -24.54 42.95 -9.15
C PHE A 205 -23.40 43.27 -10.11
N GLN A 206 -23.31 44.52 -10.57
CA GLN A 206 -22.22 44.88 -11.48
C GLN A 206 -20.87 44.78 -10.77
N GLU A 207 -20.78 45.31 -9.55
CA GLU A 207 -19.54 45.18 -8.78
C GLU A 207 -19.24 43.71 -8.49
N TYR A 208 -20.26 42.94 -8.10
CA TYR A 208 -20.07 41.53 -7.81
C TYR A 208 -19.51 40.79 -9.02
N MET A 209 -20.11 41.01 -10.19
CA MET A 209 -19.67 40.28 -11.39
C MET A 209 -18.28 40.71 -11.81
N ASN A 210 -17.98 42.00 -11.73
CA ASN A 210 -16.68 42.51 -12.13
C ASN A 210 -15.61 42.31 -11.06
N SER A 211 -15.97 41.91 -9.85
CA SER A 211 -14.99 41.54 -8.85
C SER A 211 -14.36 40.20 -9.22
N LYS A 212 -13.08 40.06 -8.89
CA LYS A 212 -12.34 38.88 -9.32
C LYS A 212 -12.63 37.65 -8.46
N ASP A 213 -13.07 37.84 -7.22
CA ASP A 213 -13.36 36.73 -6.31
C ASP A 213 -14.83 36.67 -5.92
N ARG A 214 -15.71 37.19 -6.77
CA ARG A 214 -17.15 37.15 -6.53
C ARG A 214 -17.48 37.74 -5.15
N ARG A 215 -16.84 38.84 -4.81
CA ARG A 215 -17.00 39.44 -3.49
C ARG A 215 -17.16 40.94 -3.63
N LEU A 216 -18.16 41.47 -2.93
CA LEU A 216 -18.40 42.91 -2.92
C LEU A 216 -17.38 43.61 -2.01
N SER A 217 -17.33 44.93 -2.12
CA SER A 217 -16.52 45.72 -1.21
C SER A 217 -17.21 45.77 0.16
N PRO A 218 -16.44 45.93 1.23
CA PRO A 218 -17.06 46.00 2.57
C PRO A 218 -18.16 47.05 2.66
N ALA A 219 -18.03 48.18 1.96
CA ALA A 219 -19.02 49.23 2.03
C ALA A 219 -20.31 48.83 1.32
N THR A 220 -20.19 48.35 0.07
CA THR A 220 -21.38 47.95 -0.68
C THR A 220 -22.02 46.70 -0.07
N GLU A 221 -21.22 45.80 0.51
CA GLU A 221 -21.77 44.60 1.11
C GLU A 221 -22.65 44.94 2.31
N ASN A 222 -22.14 45.79 3.20
CA ASN A 222 -22.94 46.22 4.35
C ASN A 222 -24.19 46.94 3.90
N LYS A 223 -24.08 47.81 2.88
CA LYS A 223 -25.26 48.46 2.32
C LYS A 223 -26.31 47.43 1.92
N LEU A 224 -25.90 46.46 1.12
CA LEU A 224 -26.82 45.40 0.69
C LEU A 224 -27.35 44.64 1.89
N ARG A 225 -26.48 44.28 2.84
CA ARG A 225 -26.89 43.55 4.03
C ARG A 225 -27.96 44.33 4.80
N LEU A 226 -27.75 45.63 4.98
CA LEU A 226 -28.76 46.46 5.63
C LEU A 226 -30.05 46.44 4.84
N HIS A 227 -29.95 46.55 3.51
CA HIS A 227 -31.14 46.52 2.68
C HIS A 227 -31.89 45.21 2.80
N TYR A 228 -31.16 44.10 2.89
CA TYR A 228 -31.81 42.78 3.03
C TYR A 228 -32.51 42.66 4.36
N ARG A 229 -31.81 43.00 5.45
CA ARG A 229 -32.40 42.89 6.78
C ARG A 229 -33.61 43.80 6.93
N ARG A 230 -33.48 45.05 6.47
CA ARG A 230 -34.53 46.03 6.71
C ARG A 230 -35.80 45.71 5.91
N ALA A 231 -35.66 45.54 4.59
CA ALA A 231 -36.81 45.39 3.72
C ALA A 231 -37.04 43.95 3.28
N LEU A 232 -36.09 43.37 2.56
CA LEU A 232 -36.34 42.14 1.82
C LEU A 232 -36.36 40.89 2.69
N ARG A 233 -36.22 41.01 4.00
CA ARG A 233 -36.46 39.86 4.85
C ARG A 233 -37.96 39.63 5.00
N ASN A 234 -38.35 38.37 5.09
CA ASN A 234 -39.77 37.99 5.06
C ASN A 234 -40.43 38.40 3.76
N ASN A 235 -39.66 38.41 2.67
CA ASN A 235 -40.18 38.72 1.35
C ASN A 235 -40.89 37.50 0.77
N THR A 236 -41.68 37.74 -0.28
CA THR A 236 -42.47 36.69 -0.89
C THR A 236 -41.81 36.04 -2.10
N ASP A 237 -40.71 36.63 -2.60
CA ASP A 237 -40.00 36.07 -3.75
C ASP A 237 -38.79 35.31 -3.25
N PRO A 238 -38.84 33.97 -3.15
CA PRO A 238 -37.68 33.24 -2.62
C PRO A 238 -36.44 33.40 -3.48
N TYR A 239 -36.60 33.52 -4.80
CA TYR A 239 -35.46 33.75 -5.66
C TYR A 239 -34.76 35.06 -5.31
N LYS A 240 -35.53 36.12 -5.04
CA LYS A 240 -34.95 37.41 -4.68
C LYS A 240 -34.13 37.30 -3.40
N ARG A 241 -34.68 36.65 -2.37
CA ARG A 241 -33.95 36.49 -1.11
C ARG A 241 -32.65 35.72 -1.33
N ALA A 242 -32.74 34.61 -2.07
CA ALA A 242 -31.57 33.76 -2.29
C ALA A 242 -30.51 34.48 -3.09
N VAL A 243 -30.91 35.15 -4.16
CA VAL A 243 -29.95 35.90 -4.98
C VAL A 243 -29.29 36.98 -4.15
N TYR A 244 -30.06 37.62 -3.27
CA TYR A 244 -29.54 38.74 -2.50
C TYR A 244 -28.43 38.29 -1.55
N CYS A 245 -28.61 37.18 -0.85
CA CYS A 245 -27.61 36.77 0.12
C CYS A 245 -26.59 35.79 -0.46
N ILE A 246 -26.74 35.37 -1.73
CA ILE A 246 -25.59 34.83 -2.44
C ILE A 246 -24.61 35.95 -2.74
N ILE A 247 -25.14 37.05 -3.28
CA ILE A 247 -24.34 38.24 -3.59
C ILE A 247 -23.77 38.86 -2.33
N GLY A 248 -24.58 38.93 -1.27
CA GLY A 248 -24.16 39.55 -0.04
C GLY A 248 -23.51 38.63 0.96
N ARG A 249 -23.50 37.32 0.67
CA ARG A 249 -22.92 36.33 1.58
C ARG A 249 -23.49 36.51 2.98
N CYS A 250 -24.81 36.60 3.08
CA CYS A 250 -25.48 36.98 4.32
C CYS A 250 -26.55 35.96 4.67
N ASP A 251 -27.16 36.15 5.85
CA ASP A 251 -28.16 35.23 6.38
C ASP A 251 -27.65 33.79 6.29
N VAL A 252 -26.44 33.58 6.82
CA VAL A 252 -25.73 32.33 6.57
C VAL A 252 -26.38 31.14 7.25
N THR A 253 -27.21 31.36 8.27
CA THR A 253 -27.95 30.26 8.88
C THR A 253 -29.22 29.92 8.09
N ASP A 254 -29.59 30.74 7.12
CA ASP A 254 -30.75 30.49 6.27
C ASP A 254 -30.29 29.72 5.04
N ASN A 255 -30.84 28.53 4.84
CA ASN A 255 -30.43 27.66 3.75
C ASN A 255 -31.22 27.89 2.46
N GLN A 256 -32.14 28.87 2.45
CA GLN A 256 -32.90 29.21 1.25
C GLN A 256 -33.52 27.95 0.63
N SER A 257 -34.17 27.16 1.49
CA SER A 257 -34.58 25.82 1.10
C SER A 257 -35.63 25.82 0.00
N GLU A 258 -36.43 26.89 -0.09
CA GLU A 258 -37.50 26.91 -1.08
C GLU A 258 -36.96 26.79 -2.50
N VAL A 259 -35.79 27.37 -2.76
CA VAL A 259 -35.19 27.32 -4.08
C VAL A 259 -33.97 26.40 -4.14
N ALA A 260 -33.22 26.28 -3.04
CA ALA A 260 -32.09 25.35 -2.97
C ALA A 260 -32.52 24.14 -2.13
N ASP A 261 -33.35 23.30 -2.74
CA ASP A 261 -34.02 22.23 -2.02
C ASP A 261 -33.21 20.94 -1.94
N LYS A 262 -32.23 20.75 -2.82
CA LYS A 262 -31.44 19.53 -2.84
C LYS A 262 -30.06 19.77 -2.26
N THR A 263 -29.39 18.67 -1.91
CA THR A 263 -28.11 18.76 -1.22
C THR A 263 -27.09 19.55 -2.03
N GLU A 264 -27.02 19.29 -3.33
CA GLU A 264 -26.05 20.01 -4.17
C GLU A 264 -26.36 21.50 -4.23
N ASP A 265 -27.64 21.87 -4.21
CA ASP A 265 -27.99 23.29 -4.13
C ASP A 265 -27.52 23.89 -2.83
N TYR A 266 -27.61 23.13 -1.73
CA TYR A 266 -27.17 23.61 -0.43
C TYR A 266 -25.65 23.78 -0.39
N LEU A 267 -24.91 22.85 -1.00
CA LEU A 267 -23.46 23.00 -1.07
C LEU A 267 -23.08 24.20 -1.92
N TRP A 268 -23.72 24.35 -3.09
CA TRP A 268 -23.45 25.49 -3.96
C TRP A 268 -23.72 26.80 -3.23
N LEU A 269 -24.86 26.89 -2.54
CA LEU A 269 -25.18 28.10 -1.80
C LEU A 269 -24.09 28.43 -0.78
N LYS A 270 -23.78 27.49 0.11
CA LYS A 270 -22.87 27.78 1.21
C LYS A 270 -21.46 28.06 0.70
N LEU A 271 -21.03 27.37 -0.35
CA LEU A 271 -19.70 27.62 -0.88
C LEU A 271 -19.59 28.99 -1.53
N ASN A 272 -20.70 29.51 -2.06
CA ASN A 272 -20.70 30.88 -2.57
C ASN A 272 -20.60 31.90 -1.44
N GLN A 273 -20.85 31.50 -0.20
CA GLN A 273 -20.95 32.43 0.91
C GLN A 273 -19.76 32.36 1.87
N VAL A 274 -18.91 31.33 1.78
CA VAL A 274 -17.86 31.16 2.77
C VAL A 274 -16.80 32.25 2.60
N CYS A 275 -16.30 32.75 3.73
CA CYS A 275 -15.13 33.63 3.77
C CYS A 275 -13.97 32.86 4.38
N PHE A 276 -12.80 32.95 3.77
CA PHE A 276 -11.71 32.04 4.14
C PHE A 276 -11.00 32.49 5.42
N ASP A 277 -10.28 33.60 5.35
CA ASP A 277 -9.53 34.09 6.50
C ASP A 277 -10.10 35.42 6.99
N ASP A 278 -9.79 35.73 8.25
CA ASP A 278 -10.26 36.95 8.89
C ASP A 278 -9.29 38.08 8.56
N ASP A 279 -9.75 39.04 7.76
CA ASP A 279 -8.92 40.18 7.38
C ASP A 279 -8.79 41.22 8.49
N GLY A 280 -9.50 41.04 9.61
CA GLY A 280 -9.39 41.93 10.74
C GLY A 280 -10.24 43.19 10.66
N THR A 281 -10.73 43.54 9.48
CA THR A 281 -11.53 44.74 9.29
C THR A 281 -13.03 44.45 9.23
N SER A 282 -13.42 43.40 8.52
CA SER A 282 -14.83 43.07 8.38
C SER A 282 -15.42 42.65 9.72
N SER A 283 -16.72 42.85 9.86
CA SER A 283 -17.42 42.40 11.06
C SER A 283 -17.66 40.89 10.99
N PRO A 284 -17.39 40.14 12.06
CA PRO A 284 -17.60 38.69 12.02
C PRO A 284 -19.07 38.28 12.08
N GLN A 285 -19.97 39.20 12.42
CA GLN A 285 -21.38 38.87 12.53
C GLN A 285 -21.94 38.45 11.18
N ASP A 286 -22.77 37.41 11.19
CA ASP A 286 -23.40 36.88 9.99
C ASP A 286 -22.36 36.57 8.93
N ARG A 287 -21.34 35.80 9.32
CA ARG A 287 -20.26 35.38 8.45
C ARG A 287 -20.06 33.88 8.61
N LEU A 288 -19.88 33.18 7.50
CA LEU A 288 -19.60 31.75 7.48
C LEU A 288 -18.20 31.54 6.95
N THR A 289 -17.32 31.00 7.79
CA THR A 289 -15.97 30.68 7.36
C THR A 289 -15.94 29.25 6.83
N LEU A 290 -15.02 28.98 5.91
CA LEU A 290 -14.91 27.64 5.33
C LEU A 290 -14.70 26.59 6.41
N SER A 291 -13.94 26.94 7.45
CA SER A 291 -13.67 25.98 8.52
C SER A 291 -14.97 25.58 9.23
N GLN A 292 -15.77 26.57 9.63
CA GLN A 292 -17.05 26.27 10.26
C GLN A 292 -17.90 25.39 9.35
N PHE A 293 -18.07 25.79 8.09
CA PHE A 293 -18.90 25.02 7.17
C PHE A 293 -18.40 23.59 7.04
N GLN A 294 -17.08 23.40 6.99
CA GLN A 294 -16.53 22.05 6.92
C GLN A 294 -16.84 21.28 8.20
N LYS A 295 -16.71 21.92 9.37
CA LYS A 295 -16.99 21.23 10.63
C LYS A 295 -18.48 21.04 10.83
N GLN A 296 -19.32 21.91 10.27
CA GLN A 296 -20.76 21.69 10.33
C GLN A 296 -21.14 20.39 9.63
N LEU A 297 -20.56 20.14 8.46
CA LEU A 297 -20.93 18.96 7.69
C LEU A 297 -20.34 17.68 8.25
N LEU A 298 -19.14 17.77 8.85
CA LEU A 298 -18.49 16.56 9.36
C LEU A 298 -18.98 16.23 10.77
N GLU A 299 -19.02 17.22 11.65
CA GLU A 299 -19.37 16.98 13.05
C GLU A 299 -20.86 17.18 13.32
N ASP A 300 -21.37 18.38 13.06
CA ASP A 300 -22.75 18.70 13.44
C ASP A 300 -23.74 17.80 12.71
N TYR A 301 -23.73 17.84 11.38
CA TYR A 301 -24.70 17.05 10.60
C TYR A 301 -24.28 15.58 10.56
N GLY A 302 -23.15 15.29 9.92
CA GLY A 302 -22.57 13.96 9.97
C GLY A 302 -23.28 12.95 9.09
N GLU A 303 -22.83 11.70 9.21
CA GLU A 303 -23.35 10.62 8.37
C GLU A 303 -24.86 10.50 8.53
N SER A 304 -25.34 10.44 9.77
CA SER A 304 -26.75 10.16 10.02
C SER A 304 -27.65 11.10 9.23
N HIS A 305 -27.31 12.39 9.19
CA HIS A 305 -28.22 13.36 8.60
C HIS A 305 -28.45 13.10 7.11
N PHE A 306 -27.46 12.56 6.41
CA PHE A 306 -27.52 12.43 4.96
C PHE A 306 -28.00 11.05 4.52
N THR A 307 -28.79 10.35 5.35
CA THR A 307 -29.30 9.03 5.01
C THR A 307 -28.15 8.22 4.41
N VAL A 308 -27.19 7.84 5.27
CA VAL A 308 -25.86 7.53 4.80
C VAL A 308 -25.83 6.20 4.07
N ASN A 309 -26.46 5.17 4.64
CA ASN A 309 -26.31 3.82 4.09
C ASN A 309 -26.91 3.74 2.68
N GLN A 310 -28.04 4.40 2.46
CA GLN A 310 -28.67 4.35 1.15
C GLN A 310 -27.95 5.23 0.13
N GLN A 311 -27.41 6.36 0.57
CA GLN A 311 -26.70 7.29 -0.30
C GLN A 311 -25.33 7.60 0.30
N PRO A 312 -24.45 6.60 0.38
CA PRO A 312 -23.09 6.87 0.88
C PRO A 312 -22.30 7.77 -0.06
N PHE A 313 -22.53 7.67 -1.36
CA PHE A 313 -21.84 8.54 -2.31
C PHE A 313 -22.26 9.99 -2.18
N LEU A 314 -23.47 10.25 -1.67
CA LEU A 314 -23.88 11.64 -1.48
C LEU A 314 -23.11 12.29 -0.34
N TYR A 315 -22.87 11.55 0.75
CA TYR A 315 -22.06 12.09 1.83
C TYR A 315 -20.60 12.18 1.43
N PHE A 316 -20.11 11.21 0.65
CA PHE A 316 -18.76 11.30 0.11
C PHE A 316 -18.60 12.56 -0.73
N GLN A 317 -19.59 12.86 -1.57
CA GLN A 317 -19.57 14.10 -2.34
C GLN A 317 -19.55 15.32 -1.43
N VAL A 318 -20.37 15.31 -0.38
CA VAL A 318 -20.40 16.43 0.56
C VAL A 318 -19.01 16.68 1.14
N LEU A 319 -18.33 15.61 1.56
CA LEU A 319 -17.01 15.78 2.15
C LEU A 319 -15.98 16.16 1.09
N PHE A 320 -16.02 15.50 -0.07
CA PHE A 320 -14.99 15.74 -1.08
C PHE A 320 -15.13 17.12 -1.70
N LEU A 321 -16.37 17.56 -1.97
CA LEU A 321 -16.56 18.87 -2.57
C LEU A 321 -16.17 20.01 -1.63
N THR A 322 -16.16 19.76 -0.33
CA THR A 322 -15.66 20.75 0.63
C THR A 322 -14.19 20.55 0.95
N ALA A 323 -13.48 19.76 0.14
CA ALA A 323 -12.03 19.58 0.24
C ALA A 323 -11.62 18.80 1.47
N GLN A 324 -12.54 18.06 2.09
CA GLN A 324 -12.21 17.19 3.21
C GLN A 324 -11.85 15.79 2.68
N PHE A 325 -10.78 15.77 1.89
CA PHE A 325 -10.42 14.55 1.14
C PHE A 325 -10.18 13.38 2.09
N GLU A 326 -9.38 13.61 3.13
CA GLU A 326 -9.00 12.52 4.03
C GLU A 326 -10.23 11.95 4.73
N ALA A 327 -11.10 12.82 5.26
CA ALA A 327 -12.31 12.34 5.90
C ALA A 327 -13.23 11.64 4.91
N ALA A 328 -13.28 12.13 3.67
CA ALA A 328 -14.08 11.47 2.65
C ALA A 328 -13.61 10.04 2.42
N VAL A 329 -12.30 9.87 2.21
CA VAL A 329 -11.74 8.54 1.98
C VAL A 329 -12.00 7.65 3.18
N ALA A 330 -11.73 8.15 4.38
CA ALA A 330 -11.95 7.36 5.58
C ALA A 330 -13.41 6.92 5.69
N PHE A 331 -14.34 7.81 5.32
CA PHE A 331 -15.76 7.45 5.36
C PHE A 331 -16.07 6.33 4.38
N LEU A 332 -15.72 6.53 3.10
CA LEU A 332 -16.05 5.53 2.09
C LEU A 332 -15.30 4.23 2.32
N PHE A 333 -14.14 4.28 2.97
CA PHE A 333 -13.38 3.06 3.23
C PHE A 333 -14.11 2.13 4.18
N ARG A 334 -14.89 2.68 5.13
CA ARG A 334 -15.64 1.84 6.05
C ARG A 334 -16.80 1.14 5.37
N MET A 335 -17.23 1.61 4.20
CA MET A 335 -18.22 0.91 3.39
C MET A 335 -17.49 -0.17 2.61
N GLU A 336 -17.46 -1.38 3.18
CA GLU A 336 -16.60 -2.43 2.62
C GLU A 336 -17.03 -2.81 1.21
N ARG A 337 -18.31 -2.62 0.87
CA ARG A 337 -18.74 -2.86 -0.51
C ARG A 337 -18.16 -1.84 -1.47
N LEU A 338 -17.75 -0.67 -0.98
CA LEU A 338 -17.23 0.40 -1.81
C LEU A 338 -15.78 0.72 -1.49
N ARG A 339 -15.09 -0.19 -0.80
CA ARG A 339 -13.76 0.10 -0.28
C ARG A 339 -12.76 0.35 -1.40
N CYS A 340 -12.89 -0.38 -2.51
CA CYS A 340 -11.94 -0.21 -3.61
C CYS A 340 -11.97 1.21 -4.16
N HIS A 341 -13.14 1.82 -4.22
CA HIS A 341 -13.24 3.21 -4.69
C HIS A 341 -12.51 4.15 -3.76
N ALA A 342 -12.71 3.99 -2.45
CA ALA A 342 -12.02 4.85 -1.48
C ALA A 342 -10.50 4.70 -1.59
N VAL A 343 -10.02 3.46 -1.69
CA VAL A 343 -8.58 3.24 -1.74
C VAL A 343 -7.97 3.91 -2.96
N HIS A 344 -8.63 3.80 -4.11
CA HIS A 344 -8.02 4.31 -5.34
C HIS A 344 -8.15 5.81 -5.45
N VAL A 345 -9.16 6.41 -4.82
CA VAL A 345 -9.14 7.87 -4.64
C VAL A 345 -7.94 8.28 -3.79
N ALA A 346 -7.65 7.52 -2.74
CA ALA A 346 -6.50 7.82 -1.90
C ALA A 346 -5.19 7.71 -2.69
N LEU A 347 -5.09 6.69 -3.54
CA LEU A 347 -3.89 6.53 -4.36
C LEU A 347 -3.70 7.72 -5.29
N VAL A 348 -4.78 8.21 -5.89
CA VAL A 348 -4.69 9.42 -6.71
C VAL A 348 -4.18 10.59 -5.87
N LEU A 349 -4.80 10.81 -4.70
CA LEU A 349 -4.37 11.90 -3.84
C LEU A 349 -2.91 11.75 -3.45
N PHE A 350 -2.49 10.52 -3.16
CA PHE A 350 -1.09 10.25 -2.84
C PHE A 350 -0.18 10.63 -4.00
N GLU A 351 -0.53 10.20 -5.21
CA GLU A 351 0.33 10.44 -6.36
C GLU A 351 0.39 11.92 -6.73
N LEU A 352 -0.67 12.67 -6.45
CA LEU A 352 -0.70 14.10 -6.75
C LEU A 352 -0.09 14.95 -5.65
N LYS A 353 0.45 14.35 -4.60
CA LYS A 353 1.07 15.09 -3.50
C LYS A 353 0.06 15.96 -2.77
N LEU A 354 -1.21 15.55 -2.79
CA LEU A 354 -2.25 16.24 -2.06
C LEU A 354 -2.59 15.59 -0.73
N LEU A 355 -2.38 14.28 -0.61
CA LEU A 355 -2.81 13.56 0.59
C LEU A 355 -2.05 14.02 1.82
N LEU A 356 -2.79 14.20 2.92
CA LEU A 356 -2.21 14.51 4.22
C LEU A 356 -2.08 13.19 4.98
N LYS A 357 -0.83 12.74 5.14
CA LYS A 357 -0.55 11.41 5.70
C LYS A 357 -0.21 11.51 7.17
N SER A 358 -0.68 10.54 7.94
CA SER A 358 -0.26 10.42 9.34
C SER A 358 1.25 10.17 9.40
N SER A 359 1.87 10.69 10.46
CA SER A 359 3.31 10.51 10.61
C SER A 359 3.66 9.08 10.96
N GLY A 360 2.84 8.42 11.77
CA GLY A 360 3.10 7.06 12.17
C GLY A 360 2.11 6.07 11.58
N GLN A 361 2.49 4.79 11.57
CA GLN A 361 1.62 3.74 11.09
C GLN A 361 0.68 3.21 12.16
N SER A 362 0.85 3.65 13.42
CA SER A 362 0.01 3.21 14.51
C SER A 362 -1.24 4.06 14.69
N ALA A 363 -1.28 5.25 14.09
CA ALA A 363 -2.43 6.13 14.24
C ALA A 363 -3.69 5.48 13.66
N GLN A 364 -4.84 5.95 14.14
CA GLN A 364 -6.12 5.53 13.57
C GLN A 364 -6.12 5.76 12.06
N LEU A 365 -7.14 5.24 11.37
CA LEU A 365 -7.27 5.52 9.94
C LEU A 365 -7.35 7.03 9.70
N LEU A 366 -8.24 7.70 10.42
CA LEU A 366 -8.39 9.15 10.35
C LEU A 366 -7.95 9.76 11.68
N SER A 367 -7.03 10.70 11.62
CA SER A 367 -6.50 11.33 12.82
C SER A 367 -6.23 12.81 12.51
N HIS A 368 -5.51 13.46 13.41
CA HIS A 368 -5.11 14.85 13.23
C HIS A 368 -3.94 15.13 14.15
N GLU A 369 -3.12 16.11 13.75
CA GLU A 369 -1.98 16.51 14.56
C GLU A 369 -2.26 17.86 15.21
N PRO A 370 -1.66 18.12 16.37
CA PRO A 370 -2.00 19.35 17.12
C PRO A 370 -1.75 20.63 16.35
N GLY A 371 -0.73 20.69 15.52
CA GLY A 371 -0.39 21.89 14.80
C GLY A 371 -1.03 22.04 13.43
N ASP A 372 -1.83 21.07 13.00
CA ASP A 372 -2.53 21.21 11.74
C ASP A 372 -3.70 22.19 11.89
N PRO A 373 -4.03 22.94 10.83
CA PRO A 373 -5.21 23.79 10.88
C PRO A 373 -6.45 22.96 11.19
N PRO A 374 -7.46 23.57 11.79
CA PRO A 374 -8.72 22.84 12.02
C PRO A 374 -9.36 22.45 10.69
N CYS A 375 -10.03 21.30 10.69
CA CYS A 375 -10.73 20.70 9.56
C CYS A 375 -9.77 19.97 8.62
N LEU A 376 -8.46 20.12 8.79
CA LEU A 376 -7.50 19.31 8.05
C LEU A 376 -7.17 18.06 8.87
N ARG A 377 -7.33 16.90 8.25
CA ARG A 377 -7.17 15.62 8.91
C ARG A 377 -6.11 14.80 8.18
N ARG A 378 -5.57 13.80 8.89
CA ARG A 378 -4.54 12.92 8.36
C ARG A 378 -5.14 11.55 8.09
N LEU A 379 -4.73 10.95 6.98
CA LEU A 379 -5.11 9.59 6.63
C LEU A 379 -3.91 8.67 6.84
N ASN A 380 -4.12 7.57 7.54
CA ASN A 380 -3.07 6.56 7.71
C ASN A 380 -2.98 5.77 6.42
N PHE A 381 -2.07 6.21 5.54
CA PHE A 381 -2.00 5.65 4.19
C PHE A 381 -1.51 4.21 4.20
N VAL A 382 -0.45 3.94 4.97
CA VAL A 382 0.06 2.57 5.07
C VAL A 382 -1.04 1.64 5.56
N ARG A 383 -1.70 2.02 6.66
CA ARG A 383 -2.74 1.16 7.22
C ARG A 383 -3.86 0.93 6.21
N LEU A 384 -4.31 2.00 5.54
CA LEU A 384 -5.38 1.86 4.56
C LEU A 384 -5.00 0.88 3.46
N LEU A 385 -3.77 1.00 2.95
CA LEU A 385 -3.34 0.10 1.88
C LEU A 385 -3.21 -1.34 2.38
N MET A 386 -2.65 -1.52 3.58
CA MET A 386 -2.46 -2.86 4.11
C MET A 386 -3.81 -3.54 4.37
N LEU A 387 -4.75 -2.82 4.98
CA LEU A 387 -6.07 -3.40 5.24
C LEU A 387 -6.76 -3.78 3.94
N TYR A 388 -6.45 -3.10 2.85
CA TYR A 388 -7.06 -3.43 1.56
C TYR A 388 -6.43 -4.67 0.95
N THR A 389 -5.09 -4.69 0.86
CA THR A 389 -4.41 -5.84 0.27
C THR A 389 -4.64 -7.10 1.11
N ARG A 390 -4.70 -6.97 2.43
CA ARG A 390 -4.87 -8.13 3.28
C ARG A 390 -6.17 -8.87 2.99
N LYS A 391 -7.12 -8.22 2.32
CA LYS A 391 -8.36 -8.89 1.94
C LYS A 391 -8.11 -9.96 0.89
N PHE A 392 -7.09 -9.78 0.04
CA PHE A 392 -6.92 -10.65 -1.11
C PHE A 392 -5.48 -11.10 -1.36
N GLU A 393 -4.53 -10.76 -0.50
CA GLU A 393 -3.15 -11.16 -0.75
C GLU A 393 -2.94 -12.66 -0.59
N SER A 394 -3.88 -13.38 0.03
CA SER A 394 -3.76 -14.82 0.15
C SER A 394 -4.17 -15.52 -1.14
N THR A 395 -5.23 -15.04 -1.79
CA THR A 395 -5.70 -15.63 -3.04
C THR A 395 -5.15 -14.92 -4.27
N ASP A 396 -4.68 -13.68 -4.13
CA ASP A 396 -4.20 -12.88 -5.26
C ASP A 396 -2.92 -12.16 -4.86
N PRO A 397 -1.86 -12.91 -4.59
CA PRO A 397 -0.59 -12.27 -4.21
C PRO A 397 -0.01 -11.40 -5.31
N ARG A 398 -0.19 -11.78 -6.58
CA ARG A 398 0.36 -10.98 -7.67
C ARG A 398 -0.19 -9.55 -7.63
N GLU A 399 -1.49 -9.40 -7.39
CA GLU A 399 -2.08 -8.07 -7.36
C GLU A 399 -1.63 -7.31 -6.12
N ALA A 400 -1.65 -7.96 -4.95
CA ALA A 400 -1.22 -7.29 -3.73
C ALA A 400 0.17 -6.69 -3.88
N LEU A 401 1.05 -7.37 -4.62
CA LEU A 401 2.40 -6.85 -4.81
C LEU A 401 2.38 -5.51 -5.55
N GLN A 402 1.48 -5.37 -6.53
CA GLN A 402 1.37 -4.12 -7.26
C GLN A 402 1.03 -2.97 -6.31
N TYR A 403 0.15 -3.22 -5.34
CA TYR A 403 -0.22 -2.18 -4.40
C TYR A 403 0.89 -1.91 -3.38
N PHE A 404 1.68 -2.93 -3.05
CA PHE A 404 2.82 -2.71 -2.16
C PHE A 404 3.79 -1.71 -2.76
N TYR A 405 3.89 -1.66 -4.09
CA TYR A 405 4.87 -0.80 -4.74
C TYR A 405 4.64 0.68 -4.43
N PHE A 406 3.42 1.05 -4.03
CA PHE A 406 3.17 2.42 -3.62
C PHE A 406 3.90 2.78 -2.32
N LEU A 407 4.42 1.79 -1.60
CA LEU A 407 5.15 2.03 -0.36
C LEU A 407 6.66 1.97 -0.55
N ARG A 408 7.13 2.01 -1.79
CA ARG A 408 8.56 1.86 -2.05
C ARG A 408 9.37 2.97 -1.39
N ASP A 409 8.79 4.15 -1.22
CA ASP A 409 9.46 5.27 -0.59
C ASP A 409 9.06 5.46 0.88
N GLU A 410 8.25 4.56 1.42
CA GLU A 410 7.85 4.62 2.82
C GLU A 410 8.82 3.80 3.66
N LYS A 411 9.00 4.23 4.91
CA LYS A 411 9.88 3.57 5.87
C LYS A 411 9.10 3.22 7.13
N ASP A 412 9.43 2.08 7.73
CA ASP A 412 8.78 1.67 8.96
C ASP A 412 9.50 2.31 10.15
N SER A 413 8.99 2.04 11.36
CA SER A 413 9.54 2.65 12.56
C SER A 413 11.02 2.34 12.74
N GLN A 414 11.51 1.25 12.13
CA GLN A 414 12.91 0.87 12.25
C GLN A 414 13.74 1.29 11.04
N GLY A 415 13.13 1.94 10.05
CA GLY A 415 13.86 2.43 8.91
C GLY A 415 13.92 1.50 7.73
N GLU A 416 13.21 0.38 7.76
CA GLU A 416 13.24 -0.56 6.65
C GLU A 416 12.28 -0.12 5.54
N ASN A 417 12.68 -0.40 4.30
CA ASN A 417 11.84 -0.08 3.15
C ASN A 417 10.53 -0.85 3.24
N MET A 418 9.41 -0.12 3.21
CA MET A 418 8.11 -0.75 3.42
C MET A 418 7.74 -1.68 2.27
N PHE A 419 8.16 -1.37 1.05
CA PHE A 419 7.87 -2.26 -0.07
C PHE A 419 8.61 -3.60 0.09
N LEU A 420 9.88 -3.55 0.48
CA LEU A 420 10.63 -4.78 0.70
C LEU A 420 10.11 -5.55 1.91
N ARG A 421 9.61 -4.83 2.93
CA ARG A 421 9.06 -5.51 4.10
C ARG A 421 7.79 -6.26 3.74
N CYS A 422 6.88 -5.61 2.99
CA CYS A 422 5.66 -6.28 2.58
C CYS A 422 5.96 -7.46 1.67
N VAL A 423 6.94 -7.32 0.79
CA VAL A 423 7.32 -8.41 -0.09
C VAL A 423 7.89 -9.57 0.72
N SER A 424 8.80 -9.27 1.64
CA SER A 424 9.41 -10.32 2.44
C SER A 424 8.35 -11.08 3.23
N GLU A 425 7.45 -10.37 3.90
CA GLU A 425 6.44 -11.03 4.71
C GLU A 425 5.49 -11.86 3.86
N LEU A 426 5.05 -11.31 2.71
CA LEU A 426 4.16 -12.06 1.83
C LEU A 426 4.84 -13.32 1.32
N VAL A 427 6.09 -13.20 0.88
CA VAL A 427 6.81 -14.36 0.37
C VAL A 427 6.94 -15.43 1.45
N ILE A 428 7.38 -15.02 2.64
CA ILE A 428 7.63 -16.00 3.71
C ILE A 428 6.32 -16.62 4.19
N GLU A 429 5.27 -15.81 4.34
CA GLU A 429 4.02 -16.32 4.86
C GLU A 429 3.24 -17.13 3.83
N SER A 430 3.34 -16.76 2.55
CA SER A 430 2.66 -17.51 1.50
C SER A 430 3.48 -18.70 1.01
N ARG A 431 4.80 -18.64 1.14
CA ARG A 431 5.70 -19.67 0.64
C ARG A 431 5.64 -19.79 -0.88
N GLU A 432 5.10 -18.78 -1.56
CA GLU A 432 5.07 -18.75 -3.01
C GLU A 432 6.37 -18.17 -3.55
N PHE A 433 7.47 -18.85 -3.23
CA PHE A 433 8.79 -18.35 -3.59
C PHE A 433 8.98 -18.31 -5.10
N ASP A 434 8.56 -19.38 -5.79
CA ASP A 434 8.79 -19.44 -7.24
C ASP A 434 8.03 -18.35 -7.96
N MET A 435 6.74 -18.20 -7.66
CA MET A 435 5.92 -17.22 -8.34
C MET A 435 6.43 -15.81 -8.10
N ILE A 436 6.65 -15.45 -6.84
CA ILE A 436 6.98 -14.07 -6.50
C ILE A 436 8.43 -13.76 -6.86
N LEU A 437 9.37 -14.58 -6.36
CA LEU A 437 10.79 -14.27 -6.49
C LEU A 437 11.47 -14.98 -7.64
N GLY A 438 10.81 -15.93 -8.29
CA GLY A 438 11.40 -16.69 -9.36
C GLY A 438 11.84 -18.07 -8.90
N LYS A 439 12.20 -18.90 -9.88
CA LYS A 439 12.52 -20.30 -9.64
C LYS A 439 13.92 -20.59 -10.17
N LEU A 440 14.78 -21.12 -9.29
CA LEU A 440 16.10 -21.58 -9.70
C LEU A 440 15.97 -22.93 -10.38
N GLU A 441 16.50 -23.04 -11.59
CA GLU A 441 16.48 -24.28 -12.34
C GLU A 441 17.73 -25.10 -12.05
N ASN A 442 17.65 -26.40 -12.33
CA ASN A 442 18.76 -27.29 -12.03
C ASN A 442 20.04 -26.86 -12.74
N ASP A 443 19.93 -26.25 -13.91
CA ASP A 443 21.10 -25.83 -14.67
C ASP A 443 21.65 -24.48 -14.24
N GLY A 444 21.09 -23.86 -13.21
CA GLY A 444 21.57 -22.60 -12.72
C GLY A 444 20.81 -21.39 -13.22
N SER A 445 19.96 -21.55 -14.25
CA SER A 445 19.17 -20.44 -14.75
C SER A 445 18.04 -20.13 -13.77
N ARG A 446 17.49 -18.92 -13.92
CA ARG A 446 16.44 -18.42 -13.05
C ARG A 446 15.22 -18.04 -13.89
N LYS A 447 14.10 -18.70 -13.62
CA LYS A 447 12.85 -18.32 -14.27
C LYS A 447 12.31 -17.05 -13.62
N PRO A 448 11.98 -16.02 -14.40
CA PRO A 448 11.53 -14.76 -13.78
C PRO A 448 10.30 -14.97 -12.91
N GLY A 449 10.13 -14.08 -11.94
CA GLY A 449 8.97 -14.09 -11.09
C GLY A 449 8.21 -12.77 -11.15
N VAL A 450 7.21 -12.60 -10.28
CA VAL A 450 6.47 -11.35 -10.26
C VAL A 450 7.39 -10.18 -9.95
N ILE A 451 8.41 -10.41 -9.11
CA ILE A 451 9.29 -9.34 -8.69
C ILE A 451 10.06 -8.76 -9.88
N ASP A 452 10.24 -9.56 -10.93
CA ASP A 452 10.98 -9.07 -12.09
C ASP A 452 10.27 -7.94 -12.81
N LYS A 453 8.95 -7.79 -12.58
CA LYS A 453 8.22 -6.67 -13.17
C LYS A 453 8.57 -5.34 -12.54
N PHE A 454 9.25 -5.34 -11.40
CA PHE A 454 9.57 -4.11 -10.68
C PHE A 454 11.03 -3.71 -10.75
N THR A 455 11.90 -4.54 -11.34
CA THR A 455 13.31 -4.23 -11.41
C THR A 455 14.01 -5.25 -12.29
N SER A 456 15.23 -4.90 -12.71
CA SER A 456 16.09 -5.83 -13.42
C SER A 456 17.17 -6.42 -12.53
N ASP A 457 17.52 -5.74 -11.44
CA ASP A 457 18.48 -6.26 -10.46
C ASP A 457 17.69 -6.86 -9.30
N THR A 458 17.21 -8.08 -9.52
CA THR A 458 16.38 -8.77 -8.53
C THR A 458 17.19 -9.46 -7.46
N LYS A 459 18.50 -9.61 -7.64
CA LYS A 459 19.30 -10.34 -6.66
C LYS A 459 19.27 -9.68 -5.29
N PRO A 460 19.44 -8.37 -5.16
CA PRO A 460 19.41 -7.77 -3.81
C PRO A 460 18.08 -7.97 -3.10
N ILE A 461 16.97 -8.04 -3.83
CA ILE A 461 15.67 -8.23 -3.20
C ILE A 461 15.53 -9.66 -2.69
N ILE A 462 15.89 -10.64 -3.52
CA ILE A 462 15.87 -12.03 -3.08
C ILE A 462 16.75 -12.21 -1.86
N ASN A 463 17.94 -11.62 -1.88
CA ASN A 463 18.84 -11.69 -0.73
C ASN A 463 18.19 -11.07 0.50
N LYS A 464 17.50 -9.94 0.33
CA LYS A 464 16.83 -9.30 1.46
C LYS A 464 15.78 -10.22 2.06
N VAL A 465 14.90 -10.78 1.23
CA VAL A 465 13.90 -11.72 1.74
C VAL A 465 14.57 -12.88 2.44
N ALA A 466 15.68 -13.37 1.88
CA ALA A 466 16.40 -14.47 2.51
C ALA A 466 16.88 -14.09 3.90
N SER A 467 17.43 -12.88 4.05
CA SER A 467 17.89 -12.45 5.36
C SER A 467 16.73 -12.35 6.35
N VAL A 468 15.56 -11.89 5.89
CA VAL A 468 14.41 -11.80 6.77
C VAL A 468 14.02 -13.18 7.26
N ALA A 469 13.95 -14.15 6.36
CA ALA A 469 13.68 -15.53 6.76
C ALA A 469 14.74 -16.03 7.74
N GLU A 470 15.99 -15.62 7.54
CA GLU A 470 17.07 -16.06 8.42
C GLU A 470 16.92 -15.48 9.82
N ASN A 471 16.60 -14.18 9.91
CA ASN A 471 16.42 -13.57 11.22
C ASN A 471 15.24 -14.18 11.99
N LYS A 472 14.29 -14.76 11.28
CA LYS A 472 13.14 -15.41 11.91
C LYS A 472 13.41 -16.88 12.24
N GLY A 473 14.63 -17.35 12.05
CA GLY A 473 14.95 -18.73 12.32
C GLY A 473 14.53 -19.72 11.25
N LEU A 474 14.07 -19.25 10.10
CA LEU A 474 13.68 -20.11 8.99
C LEU A 474 14.91 -20.39 8.13
N PHE A 475 15.80 -21.22 8.66
CA PHE A 475 17.11 -21.42 8.04
C PHE A 475 16.98 -22.21 6.74
N GLU A 476 16.11 -23.21 6.70
CA GLU A 476 15.91 -23.96 5.46
C GLU A 476 15.36 -23.06 4.36
N GLU A 477 14.32 -22.30 4.67
CA GLU A 477 13.76 -21.37 3.69
C GLU A 477 14.81 -20.37 3.22
N ALA A 478 15.58 -19.81 4.16
CA ALA A 478 16.60 -18.82 3.81
C ALA A 478 17.61 -19.42 2.83
N ALA A 479 18.11 -20.63 3.13
CA ALA A 479 19.10 -21.25 2.26
C ALA A 479 18.56 -21.40 0.85
N LYS A 480 17.31 -21.83 0.71
CA LYS A 480 16.70 -21.93 -0.62
C LYS A 480 16.69 -20.56 -1.30
N LEU A 481 16.38 -19.50 -0.55
CA LEU A 481 16.32 -18.17 -1.13
C LEU A 481 17.71 -17.64 -1.47
N TYR A 482 18.70 -17.89 -0.59
CA TYR A 482 20.07 -17.54 -0.93
C TYR A 482 20.55 -18.29 -2.17
N ASP A 483 20.09 -19.53 -2.35
CA ASP A 483 20.44 -20.28 -3.54
C ASP A 483 19.82 -19.63 -4.78
N LEU A 484 18.54 -19.24 -4.68
CA LEU A 484 17.92 -18.52 -5.78
C LEU A 484 18.68 -17.26 -6.12
N ALA A 485 19.26 -16.60 -5.12
CA ALA A 485 20.07 -15.41 -5.33
C ALA A 485 21.52 -15.73 -5.71
N LYS A 486 21.86 -17.01 -5.85
CA LYS A 486 23.23 -17.42 -6.17
C LYS A 486 24.22 -16.82 -5.18
N ASN A 487 23.88 -16.91 -3.90
CA ASN A 487 24.72 -16.47 -2.79
C ASN A 487 25.28 -17.72 -2.13
N ALA A 488 26.33 -18.28 -2.73
CA ALA A 488 26.83 -19.60 -2.30
C ALA A 488 27.32 -19.57 -0.86
N ASP A 489 27.96 -18.47 -0.46
CA ASP A 489 28.52 -18.40 0.90
C ASP A 489 27.43 -18.57 1.94
N LYS A 490 26.28 -17.91 1.75
CA LYS A 490 25.20 -18.02 2.73
C LYS A 490 24.48 -19.36 2.63
N VAL A 491 24.36 -19.92 1.44
CA VAL A 491 23.72 -21.24 1.30
C VAL A 491 24.49 -22.27 2.12
N LEU A 492 25.78 -22.40 1.84
CA LEU A 492 26.57 -23.43 2.53
C LEU A 492 26.76 -23.11 4.01
N GLU A 493 26.82 -21.82 4.37
CA GLU A 493 26.88 -21.45 5.78
C GLU A 493 25.68 -22.01 6.53
N LEU A 494 24.47 -21.81 5.98
CA LEU A 494 23.27 -22.27 6.67
C LEU A 494 23.16 -23.80 6.60
N MET A 495 23.55 -24.40 5.48
CA MET A 495 23.47 -25.86 5.38
C MET A 495 24.43 -26.53 6.37
N ASN A 496 25.60 -25.92 6.59
CA ASN A 496 26.52 -26.46 7.59
C ASN A 496 25.87 -26.45 8.97
N LYS A 497 25.22 -25.32 9.30
CA LYS A 497 24.52 -25.19 10.56
C LYS A 497 23.37 -26.19 10.66
N LEU A 498 22.72 -26.48 9.53
CA LEU A 498 21.59 -27.39 9.54
C LEU A 498 22.03 -28.85 9.55
N LEU A 499 23.10 -29.17 8.83
CA LEU A 499 23.53 -30.57 8.74
C LEU A 499 24.24 -31.03 10.00
N SER A 500 25.06 -30.16 10.57
CA SER A 500 25.91 -30.54 11.70
C SER A 500 25.18 -31.35 12.76
N PRO A 501 23.95 -30.98 13.22
CA PRO A 501 23.32 -31.75 14.30
C PRO A 501 22.81 -33.11 13.87
N VAL A 502 22.54 -33.31 12.57
CA VAL A 502 21.91 -34.54 12.11
C VAL A 502 22.90 -35.51 11.50
N VAL A 503 24.19 -35.18 11.49
CA VAL A 503 25.19 -36.02 10.85
C VAL A 503 25.09 -37.46 11.32
N PRO A 504 25.09 -37.76 12.63
CA PRO A 504 25.09 -39.15 13.08
C PRO A 504 23.72 -39.80 13.18
N GLN A 505 22.64 -39.07 12.93
CA GLN A 505 21.30 -39.62 13.11
C GLN A 505 20.98 -40.62 12.00
N ILE A 506 19.91 -41.38 12.22
CA ILE A 506 19.43 -42.34 11.23
C ILE A 506 18.71 -41.59 10.11
N SER A 507 18.97 -41.98 8.87
CA SER A 507 18.32 -41.37 7.71
C SER A 507 16.95 -42.03 7.48
N ALA A 508 16.09 -41.90 8.48
CA ALA A 508 14.79 -42.53 8.42
C ALA A 508 13.88 -41.80 7.42
N PRO A 509 12.97 -42.53 6.78
CA PRO A 509 12.05 -41.87 5.83
C PRO A 509 11.26 -40.76 6.48
N GLN A 510 11.06 -39.68 5.72
CA GLN A 510 10.31 -38.50 6.19
C GLN A 510 10.90 -37.91 7.46
N SER A 511 12.21 -38.10 7.65
CA SER A 511 12.91 -37.56 8.81
C SER A 511 13.59 -36.25 8.45
N ASN A 512 13.99 -35.51 9.50
CA ASN A 512 14.69 -34.24 9.27
C ASN A 512 16.01 -34.47 8.56
N LYS A 513 16.75 -35.52 8.95
CA LYS A 513 18.03 -35.78 8.31
C LYS A 513 17.86 -36.09 6.83
N GLU A 514 16.85 -36.89 6.49
CA GLU A 514 16.64 -37.25 5.09
C GLU A 514 16.36 -36.00 4.25
N ARG A 515 15.43 -35.16 4.72
CA ARG A 515 15.13 -33.93 3.99
C ARG A 515 16.36 -33.06 3.85
N LEU A 516 17.04 -32.79 4.97
CA LEU A 516 18.22 -31.94 4.93
C LEU A 516 19.33 -32.57 4.08
N LYS A 517 19.49 -33.89 4.18
CA LYS A 517 20.50 -34.56 3.36
C LYS A 517 20.16 -34.45 1.89
N ASN A 518 18.89 -34.62 1.53
CA ASN A 518 18.51 -34.60 0.12
C ASN A 518 18.74 -33.23 -0.49
N MET A 519 18.38 -32.16 0.22
CA MET A 519 18.62 -30.82 -0.32
C MET A 519 20.10 -30.48 -0.29
N ALA A 520 20.87 -31.09 0.63
CA ALA A 520 22.31 -30.92 0.60
C ALA A 520 22.91 -31.64 -0.59
N LEU A 521 22.38 -32.81 -0.94
CA LEU A 521 22.87 -33.54 -2.10
C LEU A 521 22.50 -32.82 -3.39
N SER A 522 21.29 -32.26 -3.45
CA SER A 522 20.91 -31.47 -4.61
C SER A 522 21.87 -30.30 -4.79
N ILE A 523 22.12 -29.55 -3.71
CA ILE A 523 23.06 -28.43 -3.79
C ILE A 523 24.43 -28.92 -4.21
N ALA A 524 24.95 -29.94 -3.53
CA ALA A 524 26.27 -30.46 -3.87
C ALA A 524 26.36 -30.82 -5.34
N GLU A 525 25.38 -31.57 -5.84
CA GLU A 525 25.43 -32.01 -7.24
C GLU A 525 25.36 -30.81 -8.19
N ARG A 526 24.37 -29.93 -7.97
CA ARG A 526 24.26 -28.76 -8.84
C ARG A 526 25.50 -27.89 -8.75
N TYR A 527 26.01 -27.66 -7.54
CA TYR A 527 27.18 -26.79 -7.40
C TYR A 527 28.41 -27.39 -8.07
N ARG A 528 28.59 -28.71 -7.95
CA ARG A 528 29.71 -29.37 -8.60
C ARG A 528 29.60 -29.23 -10.12
N ALA A 529 28.41 -29.52 -10.66
CA ALA A 529 28.23 -29.44 -12.11
C ALA A 529 28.41 -28.01 -12.60
N GLN A 530 27.88 -27.03 -11.87
CA GLN A 530 27.95 -25.63 -12.29
C GLN A 530 29.26 -24.96 -11.89
N GLY A 531 30.13 -25.65 -11.15
CA GLY A 531 31.40 -25.07 -10.77
C GLY A 531 31.31 -24.00 -9.71
N ILE A 532 30.27 -24.01 -8.89
CA ILE A 532 30.07 -23.00 -7.86
C ILE A 532 30.83 -23.41 -6.61
N SER A 533 31.32 -22.41 -5.88
CA SER A 533 32.10 -22.65 -4.68
C SER A 533 31.98 -21.45 -3.75
N ALA A 534 31.81 -21.73 -2.46
CA ALA A 534 31.87 -20.71 -1.43
C ALA A 534 33.33 -20.51 -1.03
N ASN A 535 33.58 -19.69 -0.01
CA ASN A 535 34.94 -19.58 0.52
C ASN A 535 35.43 -20.94 0.99
N LYS A 536 36.74 -21.15 0.91
CA LYS A 536 37.29 -22.48 1.11
C LYS A 536 36.88 -23.07 2.45
N PHE A 537 36.93 -22.28 3.52
CA PHE A 537 36.62 -22.80 4.84
C PHE A 537 35.19 -23.30 4.90
N VAL A 538 34.23 -22.47 4.47
CA VAL A 538 32.84 -22.89 4.45
C VAL A 538 32.62 -24.01 3.45
N ASP A 539 33.34 -23.99 2.33
CA ASP A 539 33.08 -24.95 1.26
C ASP A 539 33.56 -26.34 1.65
N SER A 540 34.77 -26.44 2.20
CA SER A 540 35.29 -27.74 2.61
C SER A 540 34.46 -28.33 3.76
N THR A 541 34.04 -27.48 4.71
CA THR A 541 33.19 -27.96 5.79
C THR A 541 31.94 -28.63 5.24
N PHE A 542 31.31 -28.04 4.21
CA PHE A 542 30.06 -28.56 3.70
C PHE A 542 30.22 -29.95 3.12
N TYR A 543 31.25 -30.15 2.29
CA TYR A 543 31.43 -31.45 1.66
C TYR A 543 31.96 -32.50 2.63
N LEU A 544 32.67 -32.06 3.67
CA LEU A 544 33.07 -33.01 4.71
C LEU A 544 31.88 -33.46 5.54
N LEU A 545 30.95 -32.54 5.83
CA LEU A 545 29.73 -32.92 6.51
C LEU A 545 28.94 -33.93 5.70
N LEU A 546 28.86 -33.73 4.38
CA LEU A 546 28.16 -34.70 3.53
C LEU A 546 28.88 -36.04 3.50
N ASP A 547 30.21 -36.02 3.39
CA ASP A 547 30.96 -37.27 3.41
C ASP A 547 30.72 -38.03 4.70
N LEU A 548 30.65 -37.31 5.82
CA LEU A 548 30.35 -37.97 7.10
C LEU A 548 28.93 -38.51 7.11
N ILE A 549 27.99 -37.78 6.52
CA ILE A 549 26.62 -38.29 6.40
C ILE A 549 26.61 -39.61 5.63
N THR A 550 27.43 -39.69 4.58
CA THR A 550 27.53 -40.94 3.83
C THR A 550 28.16 -42.04 4.68
N PHE A 551 29.15 -41.68 5.49
CA PHE A 551 29.78 -42.65 6.38
C PHE A 551 28.76 -43.27 7.32
N PHE A 552 27.98 -42.43 8.01
CA PHE A 552 27.04 -42.95 9.00
C PHE A 552 25.92 -43.75 8.34
N ASP A 553 25.45 -43.32 7.17
CA ASP A 553 24.38 -44.04 6.48
C ASP A 553 24.82 -45.45 6.12
N GLU A 554 26.03 -45.59 5.55
CA GLU A 554 26.58 -46.92 5.32
C GLU A 554 26.74 -47.67 6.63
N TYR A 555 27.13 -46.96 7.69
CA TYR A 555 27.29 -47.59 9.00
C TYR A 555 25.96 -48.10 9.53
N HIS A 556 24.93 -47.24 9.54
CA HIS A 556 23.64 -47.66 10.06
C HIS A 556 23.01 -48.75 9.22
N SER A 557 23.36 -48.84 7.94
CA SER A 557 22.84 -49.88 7.07
C SER A 557 23.58 -51.21 7.23
N GLY A 558 24.54 -51.29 8.15
CA GLY A 558 25.25 -52.53 8.38
C GLY A 558 26.39 -52.79 7.42
N HIS A 559 26.61 -51.93 6.43
CA HIS A 559 27.73 -52.08 5.49
C HIS A 559 29.01 -51.65 6.20
N ILE A 560 29.45 -52.51 7.13
CA ILE A 560 30.57 -52.15 7.99
C ILE A 560 31.83 -51.92 7.18
N ASP A 561 32.07 -52.75 6.16
CA ASP A 561 33.30 -52.63 5.39
C ASP A 561 33.32 -51.35 4.55
N ARG A 562 32.20 -51.04 3.90
CA ARG A 562 32.12 -49.82 3.11
C ARG A 562 32.25 -48.59 4.01
N ALA A 563 31.58 -48.61 5.16
CA ALA A 563 31.73 -47.50 6.11
C ALA A 563 33.19 -47.30 6.50
N PHE A 564 33.91 -48.40 6.76
CA PHE A 564 35.31 -48.29 7.09
C PHE A 564 36.11 -47.70 5.94
N ASP A 565 35.86 -48.15 4.71
CA ASP A 565 36.56 -47.60 3.56
C ASP A 565 36.35 -46.10 3.47
N ILE A 566 35.15 -45.63 3.81
CA ILE A 566 34.87 -44.20 3.71
C ILE A 566 35.72 -43.43 4.72
N ILE A 567 35.59 -43.76 6.00
CA ILE A 567 36.29 -42.99 7.03
C ILE A 567 37.79 -43.04 6.82
N GLU A 568 38.31 -44.15 6.30
CA GLU A 568 39.74 -44.24 6.05
C GLU A 568 40.14 -43.27 4.94
N ARG A 569 39.38 -43.23 3.85
CA ARG A 569 39.71 -42.31 2.76
C ARG A 569 39.60 -40.86 3.20
N LEU A 570 38.71 -40.56 4.15
CA LEU A 570 38.58 -39.19 4.63
C LEU A 570 39.82 -38.72 5.37
N LYS A 571 40.63 -39.63 5.90
CA LYS A 571 41.82 -39.28 6.65
C LYS A 571 41.50 -38.24 7.71
N LEU A 572 40.41 -38.49 8.45
CA LEU A 572 39.97 -37.62 9.53
C LEU A 572 40.52 -38.08 10.88
N VAL A 573 40.33 -39.36 11.21
CA VAL A 573 40.88 -39.93 12.44
C VAL A 573 42.04 -40.84 12.07
N PRO A 574 43.07 -40.96 12.91
CA PRO A 574 44.20 -41.83 12.57
C PRO A 574 43.91 -43.28 12.92
N LEU A 575 44.32 -44.18 12.03
CA LEU A 575 44.23 -45.61 12.28
C LEU A 575 45.57 -46.25 12.62
N ASN A 576 46.67 -45.55 12.35
CA ASN A 576 48.00 -46.01 12.73
C ASN A 576 48.72 -44.88 13.46
N GLN A 577 49.61 -45.27 14.38
CA GLN A 577 50.34 -44.27 15.16
C GLN A 577 51.13 -43.32 14.28
N GLU A 578 51.43 -43.71 13.04
CA GLU A 578 52.25 -42.88 12.18
C GLU A 578 51.53 -41.60 11.77
N SER A 579 50.21 -41.61 11.74
CA SER A 579 49.42 -40.48 11.27
C SER A 579 48.80 -39.66 12.40
N VAL A 580 49.08 -39.99 13.66
CA VAL A 580 48.37 -39.37 14.76
C VAL A 580 48.65 -37.87 14.84
N GLU A 581 49.92 -37.48 14.66
CA GLU A 581 50.29 -36.09 14.88
C GLU A 581 49.61 -35.16 13.89
N GLU A 582 49.65 -35.50 12.59
CA GLU A 582 49.08 -34.61 11.60
C GLU A 582 47.56 -34.55 11.68
N ARG A 583 46.91 -35.65 12.10
CA ARG A 583 45.47 -35.61 12.29
C ARG A 583 45.09 -34.69 13.43
N VAL A 584 45.86 -34.71 14.52
CA VAL A 584 45.60 -33.80 15.64
C VAL A 584 45.80 -32.35 15.20
N ALA A 585 46.81 -32.12 14.36
CA ALA A 585 47.05 -30.76 13.87
C ALA A 585 45.91 -30.28 12.97
N ALA A 586 45.51 -31.13 12.02
CA ALA A 586 44.42 -30.75 11.12
C ALA A 586 43.13 -30.48 11.87
N PHE A 587 42.92 -31.17 13.00
CA PHE A 587 41.67 -31.02 13.73
C PHE A 587 41.53 -29.63 14.36
N ARG A 588 42.64 -28.93 14.59
CA ARG A 588 42.57 -27.63 15.23
C ARG A 588 41.96 -26.57 14.31
N ASN A 589 41.98 -26.79 13.00
CA ASN A 589 41.42 -25.84 12.04
C ASN A 589 40.08 -26.29 11.48
N PHE A 590 39.56 -27.43 11.92
CA PHE A 590 38.24 -27.88 11.47
C PHE A 590 37.14 -27.09 12.19
N SER A 591 36.03 -26.84 11.50
CA SER A 591 34.97 -26.01 12.04
C SER A 591 34.32 -26.67 13.25
N ASP A 592 33.65 -25.85 14.06
CA ASP A 592 32.91 -26.37 15.22
C ASP A 592 31.90 -27.42 14.79
N GLU A 593 31.27 -27.22 13.63
CA GLU A 593 30.35 -28.21 13.07
C GLU A 593 30.99 -29.58 12.95
N ILE A 594 32.24 -29.61 12.46
CA ILE A 594 32.97 -30.88 12.34
C ILE A 594 33.35 -31.41 13.72
N ARG A 595 33.88 -30.53 14.56
CA ARG A 595 34.36 -30.92 15.89
C ARG A 595 33.21 -31.43 16.76
N HIS A 596 31.99 -30.92 16.54
CA HIS A 596 30.81 -31.36 17.28
C HIS A 596 30.51 -32.83 17.08
N ASN A 597 30.91 -33.39 15.93
CA ASN A 597 30.57 -34.76 15.57
C ASN A 597 31.72 -35.74 15.79
N LEU A 598 32.83 -35.31 16.40
CA LEU A 598 33.95 -36.23 16.56
C LEU A 598 33.58 -37.43 17.42
N SER A 599 32.81 -37.20 18.49
CA SER A 599 32.43 -38.27 19.39
C SER A 599 31.78 -39.42 18.64
N GLU A 600 30.74 -39.12 17.87
CA GLU A 600 30.02 -40.18 17.15
C GLU A 600 30.87 -40.82 16.07
N VAL A 601 31.78 -40.05 15.47
CA VAL A 601 32.70 -40.64 14.49
C VAL A 601 33.63 -41.63 15.17
N LEU A 602 34.15 -41.28 16.35
CA LEU A 602 35.04 -42.17 17.07
C LEU A 602 34.31 -43.43 17.52
N LEU A 603 33.13 -43.26 18.11
CA LEU A 603 32.37 -44.41 18.59
C LEU A 603 32.01 -45.35 17.44
N ALA A 604 31.50 -44.81 16.34
CA ALA A 604 31.13 -45.65 15.20
C ALA A 604 32.35 -46.34 14.61
N THR A 605 33.46 -45.61 14.46
CA THR A 605 34.67 -46.23 13.92
C THR A 605 35.17 -47.32 14.85
N MET A 606 35.18 -47.06 16.16
CA MET A 606 35.59 -48.09 17.11
C MET A 606 34.70 -49.31 17.03
N ASN A 607 33.38 -49.10 16.94
CA ASN A 607 32.46 -50.22 16.81
C ASN A 607 32.71 -51.00 15.53
N ILE A 608 33.16 -50.32 14.47
CA ILE A 608 33.49 -51.03 13.23
C ILE A 608 34.69 -51.93 13.45
N LEU A 609 35.75 -51.40 14.07
CA LEU A 609 36.89 -52.25 14.41
C LEU A 609 36.48 -53.37 15.36
N PHE A 610 35.56 -53.08 16.29
CA PHE A 610 35.11 -54.10 17.23
C PHE A 610 34.26 -55.15 16.53
N THR A 611 33.45 -54.74 15.56
CA THR A 611 32.66 -55.71 14.80
C THR A 611 33.56 -56.57 13.92
N GLN A 612 34.48 -55.94 13.18
CA GLN A 612 35.41 -56.71 12.36
C GLN A 612 36.24 -57.66 13.20
N PHE A 613 36.45 -57.34 14.47
CA PHE A 613 37.22 -58.22 15.34
C PHE A 613 36.44 -59.50 15.65
N LYS A 614 35.17 -59.34 16.04
CA LYS A 614 34.36 -60.52 16.37
C LYS A 614 34.23 -61.45 15.17
N ARG A 615 34.05 -60.89 13.97
CA ARG A 615 33.78 -61.70 12.80
C ARG A 615 34.99 -62.51 12.33
N LEU A 616 36.18 -62.23 12.86
CA LEU A 616 37.31 -63.11 12.56
C LEU A 616 37.18 -64.43 13.31
N LYS A 617 36.67 -64.40 14.54
CA LYS A 617 36.49 -65.61 15.32
C LYS A 617 35.20 -66.32 14.93
N ASP A 633 49.25 -60.89 11.00
CA ASP A 633 48.18 -61.19 11.94
C ASP A 633 47.07 -60.16 11.84
N ARG A 634 45.84 -60.64 11.60
CA ARG A 634 44.70 -59.74 11.47
C ARG A 634 44.36 -59.06 12.79
N ASP A 635 44.75 -59.63 13.93
CA ASP A 635 44.41 -59.05 15.22
C ASP A 635 45.36 -57.92 15.59
N SER A 636 46.67 -58.18 15.52
CA SER A 636 47.65 -57.19 15.96
C SER A 636 47.35 -55.81 15.40
N GLN A 637 47.07 -55.73 14.10
CA GLN A 637 46.79 -54.44 13.48
C GLN A 637 45.39 -53.94 13.81
N LEU A 638 44.44 -54.85 14.02
CA LEU A 638 43.08 -54.43 14.33
C LEU A 638 43.01 -53.80 15.73
N ARG A 639 43.63 -54.46 16.72
CA ARG A 639 43.71 -53.86 18.05
C ARG A 639 44.67 -52.68 18.08
N SER A 640 45.63 -52.63 17.16
CA SER A 640 46.50 -51.46 17.06
C SER A 640 45.74 -50.25 16.55
N GLN A 641 44.82 -50.47 15.62
CA GLN A 641 43.97 -49.38 15.14
C GLN A 641 43.06 -48.86 16.24
N ALA A 642 42.43 -49.77 16.99
CA ALA A 642 41.62 -49.36 18.13
C ALA A 642 42.41 -48.51 19.11
N ARG A 643 43.62 -48.97 19.45
CA ARG A 643 44.45 -48.20 20.37
C ARG A 643 44.86 -46.86 19.77
N THR A 644 44.99 -46.79 18.45
CA THR A 644 45.31 -45.51 17.81
C THR A 644 44.16 -44.52 17.98
N LEU A 645 42.92 -44.99 17.87
CA LEU A 645 41.77 -44.11 18.05
C LEU A 645 41.73 -43.57 19.49
N ILE A 646 41.93 -44.44 20.47
CA ILE A 646 41.92 -44.00 21.86
C ILE A 646 43.04 -43.00 22.10
N THR A 647 44.25 -43.31 21.62
CA THR A 647 45.35 -42.36 21.72
C THR A 647 44.98 -41.03 21.11
N PHE A 648 44.46 -41.04 19.88
CA PHE A 648 44.03 -39.81 19.23
C PHE A 648 42.96 -39.10 20.04
N ALA A 649 41.96 -39.85 20.53
CA ALA A 649 40.87 -39.24 21.28
C ALA A 649 41.39 -38.50 22.51
N GLY A 650 42.44 -39.00 23.14
CA GLY A 650 42.95 -38.39 24.36
C GLY A 650 43.66 -37.07 24.13
N MET A 651 44.17 -36.84 22.93
CA MET A 651 44.89 -35.62 22.63
C MET A 651 43.99 -34.51 22.10
N ILE A 652 42.69 -34.74 21.99
CA ILE A 652 41.77 -33.83 21.34
C ILE A 652 40.66 -33.50 22.32
N PRO A 653 40.39 -32.22 22.61
CA PRO A 653 39.20 -31.87 23.38
C PRO A 653 37.96 -31.82 22.48
N TYR A 654 36.91 -32.50 22.90
CA TYR A 654 35.67 -32.52 22.13
C TYR A 654 34.50 -32.76 23.07
N ARG A 655 33.30 -32.47 22.57
CA ARG A 655 32.09 -32.57 23.37
C ARG A 655 31.87 -34.01 23.83
N THR A 656 31.62 -34.18 25.12
CA THR A 656 31.34 -35.49 25.71
C THR A 656 32.56 -36.41 25.61
N SER A 657 33.75 -35.84 25.75
CA SER A 657 34.97 -36.63 25.65
C SER A 657 35.19 -37.54 26.85
N GLY A 658 34.60 -37.21 28.00
CA GLY A 658 34.76 -38.06 29.17
C GLY A 658 33.97 -39.35 29.04
N ASP A 659 32.68 -39.25 28.73
CA ASP A 659 31.88 -40.45 28.53
C ASP A 659 32.27 -41.19 27.26
N THR A 660 32.73 -40.48 26.24
CA THR A 660 33.12 -41.13 24.99
C THR A 660 34.42 -41.91 25.16
N ASN A 661 35.43 -41.27 25.75
CA ASN A 661 36.71 -41.96 25.97
C ASN A 661 36.51 -43.21 26.82
N ALA A 662 35.59 -43.16 27.78
CA ALA A 662 35.32 -44.33 28.60
C ALA A 662 34.75 -45.46 27.77
N ARG A 663 33.79 -45.16 26.89
CA ARG A 663 33.18 -46.19 26.06
C ARG A 663 34.16 -46.75 25.05
N LEU A 664 35.05 -45.90 24.51
CA LEU A 664 36.06 -46.38 23.58
C LEU A 664 36.97 -47.40 24.23
N VAL A 665 37.50 -47.08 25.42
CA VAL A 665 38.37 -48.01 26.11
C VAL A 665 37.65 -49.29 26.46
N GLN A 666 36.36 -49.20 26.78
CA GLN A 666 35.60 -50.40 27.12
C GLN A 666 35.52 -51.35 25.93
N MET A 667 35.42 -50.80 24.71
CA MET A 667 35.42 -51.65 23.53
C MET A 667 36.81 -52.22 23.24
N GLU A 668 37.84 -51.38 23.40
CA GLU A 668 39.20 -51.87 23.21
C GLU A 668 39.49 -53.05 24.12
N VAL A 669 39.02 -53.00 25.37
CA VAL A 669 39.32 -54.07 26.32
C VAL A 669 38.74 -55.39 25.85
N LEU A 670 37.63 -55.36 25.12
CA LEU A 670 37.04 -56.56 24.56
C LEU A 670 37.77 -57.04 23.31
N MET A 671 38.88 -56.41 22.95
CA MET A 671 39.71 -56.85 21.84
C MET A 671 41.06 -57.40 22.27
N ASN A 672 41.64 -56.85 23.33
CA ASN A 672 42.95 -57.28 23.82
C ASN A 672 42.82 -58.46 24.78
#